data_9MTY
#
_entry.id   9MTY
#
_cell.length_a   1.00
_cell.length_b   1.00
_cell.length_c   1.00
_cell.angle_alpha   90.00
_cell.angle_beta   90.00
_cell.angle_gamma   90.00
#
_symmetry.space_group_name_H-M   'P 1'
#
loop_
_entity.id
_entity.type
_entity.pdbx_description
1 polymer 'Transposase IS116/IS110/IS902 C-terminal domain-containing protein'
2 polymer tigRNA
3 polymer "Target DNA, spacer A targeted strand, 5' of cut"
4 polymer "Target DNA, spacer A targeted strand, 3' of cut"
5 polymer "Target DNA, spacer B targeted strand, 5' of cut"
6 polymer "Target DNA, spacer B targeted strand, 3' of cut"
7 non-polymer 'MAGNESIUM ION'
#
loop_
_entity_poly.entity_id
_entity_poly.type
_entity_poly.pdbx_seq_one_letter_code
_entity_poly.pdbx_strand_id
1 'polypeptide(L)'
;MDNDITILAVDWSHEERKLAIFDGKKIRKKLPEPSSDVIIVAENIPQKYAAPFIEVGAKVLRCSTNATADARKNYQKKVD
AAFAKNDENDSKVIWALYQTHPELFREMKLEPPLSSYYAIFKDYQEVRIRTGNRLYSDRTDAMEEFFKIVKKGEHELKKA
VDKELENHPVYTQWLQHIKGIGPVVAGGLISLIGDIDRFDSVSKLWAYAGYSVDNGKVQKRKKGVASNWKNKIRTHCYNI
VDSFIKQRTSVYRELYDAEKARQRPKVESDGHAHNRAVRKVAKVFLQHYWVVSRELAGFSVSKPWILEHGGHVDYIKPPH
WNKVEIKPCKP
;
A,B
2 'polyribonucleotide' AGCCAUGCAAGCCCUGAAACCCAUUGCCUUAGUGCG C
3 'polydeoxyribonucleotide'
;(DT)(DC)(DA)(DG)(DC)(DG)(DT)(DT)(DA)(DA)(DA)(DA)(DA)(DA)(DT)(DT)(DG)(DA)(DT)(DG)
(DA)(DT)(DT)(DG)(DC)(DC)(DT)(DT)(DA)(DG)(DG)(DG)(DG)(DC)
;
D
4 'polydeoxyribonucleotide'
;(DT)(DT)(DG)(DC)(DA)(DT)(DC)(DG)(DA)(DA)(DA)(DC)(DC)(DA)(DC)(DA)(DG)(DC)(DC)(DA)
(DA)(DG)(DG)(DG)(DA)(DA)
;
F
5 'polydeoxyribonucleotide'
;(DT)(DT)(DC)(DC)(DC)(DT)(DT)(DG)(DG)(DC)(DT)(DG)(DT)(DG)(DG)(DT)(DT)(DT)(DC)(DG)
(DA)(DT)(DG)(DC)(DA)(DA)(DG)(DC)(DC)(DC)(DC)(DT)(DA)(DA)
;
E
6 'polydeoxyribonucleotide'
;(DG)(DG)(DC)(DA)(DA)(DT)(DC)(DA)(DT)(DC)(DA)(DA)(DT)(DT)(DT)(DT)(DT)(DT)(DA)(DA)
(DC)(DG)(DC)(DT)(DG)(DA)
;
G
#
loop_
_chem_comp.id
_chem_comp.type
_chem_comp.name
_chem_comp.formula
A RNA linking ADENOSINE-5'-MONOPHOSPHATE 'C10 H14 N5 O7 P'
C RNA linking CYTIDINE-5'-MONOPHOSPHATE 'C9 H14 N3 O8 P'
DA DNA linking 2'-DEOXYADENOSINE-5'-MONOPHOSPHATE 'C10 H14 N5 O6 P'
DC DNA linking 2'-DEOXYCYTIDINE-5'-MONOPHOSPHATE 'C9 H14 N3 O7 P'
DG DNA linking 2'-DEOXYGUANOSINE-5'-MONOPHOSPHATE 'C10 H14 N5 O7 P'
DT DNA linking THYMIDINE-5'-MONOPHOSPHATE 'C10 H15 N2 O8 P'
G RNA linking GUANOSINE-5'-MONOPHOSPHATE 'C10 H14 N5 O8 P'
MG non-polymer 'MAGNESIUM ION' 'Mg 2'
U RNA linking URIDINE-5'-MONOPHOSPHATE 'C9 H13 N2 O9 P'
#
# COMPACT_ATOMS: atom_id res chain seq x y z
N THR A 6 -39.20 -16.52 8.17
CA THR A 6 -38.44 -15.94 9.29
C THR A 6 -37.28 -15.09 8.78
N ILE A 7 -37.35 -13.77 9.00
CA ILE A 7 -36.29 -12.85 8.63
C ILE A 7 -35.47 -12.51 9.85
N LEU A 8 -34.14 -12.54 9.72
CA LEU A 8 -33.21 -12.12 10.75
C LEU A 8 -32.25 -11.11 10.14
N ALA A 9 -32.01 -9.98 10.82
CA ALA A 9 -31.02 -9.00 10.39
C ALA A 9 -29.78 -9.08 11.27
N VAL A 10 -28.62 -9.30 10.65
CA VAL A 10 -27.38 -9.50 11.38
C VAL A 10 -26.41 -8.34 11.14
N ASP A 11 -25.95 -7.74 12.25
CA ASP A 11 -24.84 -6.80 12.33
C ASP A 11 -23.58 -7.61 12.64
N TRP A 12 -22.93 -8.09 11.57
CA TRP A 12 -21.87 -9.07 11.61
C TRP A 12 -20.57 -8.50 12.20
N SER A 13 -19.74 -9.43 12.68
CA SER A 13 -18.40 -9.15 13.17
C SER A 13 -17.66 -10.49 13.25
N HIS A 14 -16.33 -10.42 13.37
CA HIS A 14 -15.60 -11.63 13.73
C HIS A 14 -15.58 -11.84 15.23
N GLU A 15 -15.42 -10.78 16.02
CA GLU A 15 -15.45 -10.86 17.47
C GLU A 15 -16.87 -11.04 17.98
N GLU A 16 -17.09 -12.12 18.73
CA GLU A 16 -18.43 -12.47 19.20
C GLU A 16 -19.00 -11.47 20.20
N ARG A 17 -18.16 -10.65 20.83
CA ARG A 17 -18.64 -9.54 21.65
C ARG A 17 -19.39 -8.49 20.81
N LYS A 18 -18.96 -8.25 19.57
CA LYS A 18 -19.60 -7.25 18.71
C LYS A 18 -20.90 -7.72 18.05
N LEU A 19 -21.05 -9.00 17.76
CA LEU A 19 -22.15 -9.52 16.94
C LEU A 19 -23.53 -9.15 17.47
N ALA A 20 -24.46 -8.84 16.56
CA ALA A 20 -25.85 -8.68 16.99
C ALA A 20 -26.84 -9.09 15.91
N ILE A 21 -27.97 -9.67 16.32
CA ILE A 21 -29.05 -10.07 15.41
C ILE A 21 -30.38 -9.54 15.91
N PHE A 22 -31.20 -9.04 14.99
CA PHE A 22 -32.51 -8.48 15.30
C PHE A 22 -33.59 -9.24 14.53
N ASP A 23 -34.62 -9.69 15.24
CA ASP A 23 -35.73 -10.40 14.60
C ASP A 23 -36.90 -9.47 14.24
N GLY A 24 -36.75 -8.17 14.48
CA GLY A 24 -37.82 -7.20 14.34
C GLY A 24 -38.51 -6.83 15.64
N LYS A 25 -38.23 -7.56 16.71
CA LYS A 25 -38.82 -7.33 18.02
C LYS A 25 -37.82 -7.42 19.17
N LYS A 26 -36.81 -8.29 19.08
CA LYS A 26 -35.80 -8.45 20.12
C LYS A 26 -34.42 -8.71 19.52
N ILE A 27 -33.39 -8.48 20.33
CA ILE A 27 -31.99 -8.57 19.95
C ILE A 27 -31.39 -9.88 20.47
N ARG A 28 -30.67 -10.59 19.61
CA ARG A 28 -29.94 -11.80 19.98
C ARG A 28 -28.45 -11.62 19.79
N LYS A 29 -27.65 -12.30 20.62
CA LYS A 29 -26.20 -12.18 20.54
C LYS A 29 -25.53 -13.20 19.63
N LYS A 30 -26.19 -14.30 19.29
CA LYS A 30 -25.58 -15.37 18.51
C LYS A 30 -26.58 -16.01 17.55
N LEU A 31 -26.05 -16.58 16.46
CA LEU A 31 -26.77 -17.13 15.33
C LEU A 31 -27.34 -18.52 15.60
N PRO A 32 -28.44 -18.88 14.93
CA PRO A 32 -29.00 -20.22 15.03
C PRO A 32 -28.23 -21.26 14.21
N GLU A 33 -28.72 -22.50 14.27
CA GLU A 33 -28.38 -23.53 13.29
C GLU A 33 -29.11 -23.28 11.96
N PRO A 34 -28.48 -23.57 10.82
CA PRO A 34 -29.09 -23.31 9.50
C PRO A 34 -30.41 -24.03 9.24
N SER A 35 -31.36 -23.29 8.64
CA SER A 35 -32.60 -23.88 8.15
C SER A 35 -33.21 -23.00 7.06
N SER A 36 -33.76 -23.64 6.02
CA SER A 36 -34.33 -22.97 4.84
C SER A 36 -35.64 -22.23 5.13
N ASP A 37 -36.16 -22.28 6.36
CA ASP A 37 -37.19 -21.35 6.79
C ASP A 37 -36.67 -19.93 6.98
N VAL A 38 -35.34 -19.75 7.12
CA VAL A 38 -34.73 -18.47 7.48
C VAL A 38 -34.24 -17.72 6.24
N ILE A 39 -34.56 -16.44 6.19
CA ILE A 39 -33.89 -15.47 5.32
C ILE A 39 -33.06 -14.56 6.21
N ILE A 40 -31.76 -14.46 5.92
CA ILE A 40 -30.84 -13.57 6.61
C ILE A 40 -30.60 -12.32 5.76
N VAL A 41 -30.53 -11.15 6.41
CA VAL A 41 -30.14 -9.91 5.75
C VAL A 41 -28.99 -9.29 6.53
N ALA A 42 -27.99 -8.76 5.82
CA ALA A 42 -26.78 -8.25 6.44
C ALA A 42 -26.21 -7.11 5.62
N GLU A 43 -25.40 -6.29 6.28
CA GLU A 43 -24.53 -5.33 5.61
C GLU A 43 -23.16 -5.95 5.37
N ASN A 44 -23.07 -6.77 4.32
CA ASN A 44 -21.82 -7.39 3.83
C ASN A 44 -21.18 -8.51 4.70
N ILE A 45 -21.99 -9.45 5.17
CA ILE A 45 -21.45 -10.58 5.94
C ILE A 45 -20.54 -11.46 5.08
N PRO A 46 -19.35 -11.84 5.56
CA PRO A 46 -18.47 -12.76 4.81
C PRO A 46 -19.07 -14.12 4.53
N GLN A 47 -18.59 -14.73 3.45
CA GLN A 47 -18.90 -16.12 3.14
C GLN A 47 -18.39 -17.10 4.21
N LYS A 48 -17.31 -16.76 4.93
CA LYS A 48 -16.84 -17.55 6.08
C LYS A 48 -17.98 -17.88 7.05
N TYR A 49 -18.83 -16.91 7.34
CA TYR A 49 -19.94 -17.13 8.24
C TYR A 49 -21.23 -17.55 7.51
N ALA A 50 -21.46 -17.06 6.31
CA ALA A 50 -22.73 -17.30 5.60
C ALA A 50 -22.79 -18.61 4.82
N ALA A 51 -21.66 -19.21 4.46
CA ALA A 51 -21.71 -20.44 3.67
C ALA A 51 -22.49 -21.58 4.32
N PRO A 52 -22.39 -21.86 5.63
CA PRO A 52 -23.29 -22.85 6.23
C PRO A 52 -24.76 -22.69 5.91
N PHE A 53 -25.24 -21.45 5.77
CA PHE A 53 -26.64 -21.19 5.45
C PHE A 53 -26.96 -21.41 3.97
N ILE A 54 -26.12 -20.90 3.06
CA ILE A 54 -26.31 -21.17 1.63
C ILE A 54 -26.25 -22.65 1.34
N GLU A 55 -25.35 -23.37 2.02
CA GLU A 55 -25.20 -24.81 1.88
C GLU A 55 -26.43 -25.62 2.32
N VAL A 56 -27.40 -25.01 3.00
CA VAL A 56 -28.67 -25.65 3.32
C VAL A 56 -29.85 -24.96 2.65
N GLY A 57 -29.60 -24.00 1.76
CA GLY A 57 -30.67 -23.23 1.15
C GLY A 57 -31.24 -22.12 1.99
N ALA A 58 -30.64 -21.80 3.12
CA ALA A 58 -30.99 -20.63 3.92
C ALA A 58 -30.45 -19.37 3.26
N LYS A 59 -31.34 -18.59 2.64
CA LYS A 59 -30.94 -17.48 1.78
C LYS A 59 -30.24 -16.40 2.60
N VAL A 60 -29.18 -15.83 2.04
CA VAL A 60 -28.52 -14.65 2.59
C VAL A 60 -28.62 -13.50 1.59
N LEU A 61 -29.15 -12.37 2.05
CA LEU A 61 -29.17 -11.16 1.26
C LEU A 61 -28.24 -10.13 1.88
N ARG A 62 -27.45 -9.47 1.05
CA ARG A 62 -26.49 -8.46 1.47
C ARG A 62 -26.74 -7.15 0.72
N CYS A 63 -26.32 -6.06 1.34
CA CYS A 63 -26.28 -4.73 0.73
C CYS A 63 -24.95 -4.05 1.01
N SER A 64 -24.67 -3.00 0.24
CA SER A 64 -23.41 -2.25 0.33
C SER A 64 -23.12 -1.75 1.74
N THR A 65 -21.84 -1.71 2.08
CA THR A 65 -21.40 -1.12 3.34
C THR A 65 -21.68 0.38 3.43
N ASN A 66 -21.95 1.04 2.32
CA ASN A 66 -22.36 2.45 2.32
C ASN A 66 -23.87 2.69 2.48
N ALA A 67 -24.71 1.67 2.35
CA ALA A 67 -26.16 1.88 2.31
C ALA A 67 -26.70 2.58 3.57
N THR A 68 -26.27 2.15 4.75
CA THR A 68 -26.71 2.83 5.97
C THR A 68 -26.08 4.20 6.13
N ALA A 69 -24.79 4.35 5.81
CA ALA A 69 -24.16 5.66 5.88
C ALA A 69 -24.84 6.66 4.95
N ASP A 70 -25.30 6.22 3.79
CA ASP A 70 -26.05 7.07 2.87
C ASP A 70 -27.52 7.25 3.25
N ALA A 71 -28.12 6.34 4.02
CA ALA A 71 -29.40 6.67 4.66
C ALA A 71 -29.23 7.72 5.76
N ARG A 72 -28.14 7.66 6.50
CA ARG A 72 -27.82 8.62 7.56
C ARG A 72 -27.48 10.03 7.04
N LYS A 73 -27.43 10.25 5.72
CA LYS A 73 -27.37 11.61 5.20
C LYS A 73 -28.70 12.34 5.33
N ASN A 74 -29.80 11.62 5.59
CA ASN A 74 -31.13 12.22 5.63
C ASN A 74 -31.58 12.60 7.04
N ASN A 86 -24.76 2.94 20.72
CA ASN A 86 -24.02 1.70 20.48
C ASN A 86 -24.09 1.24 19.02
N ASP A 87 -23.31 0.20 18.73
CA ASP A 87 -23.38 -0.46 17.42
C ASP A 87 -24.69 -1.23 17.22
N GLU A 88 -25.21 -1.85 18.30
CA GLU A 88 -26.32 -2.79 18.17
C GLU A 88 -27.58 -2.19 17.55
N ASN A 89 -27.80 -0.87 17.69
CA ASN A 89 -28.84 -0.18 16.94
C ASN A 89 -28.72 -0.33 15.43
N ASP A 90 -27.50 -0.49 14.91
CA ASP A 90 -27.35 -0.64 13.46
C ASP A 90 -27.95 -1.91 12.92
N SER A 91 -28.06 -2.98 13.73
CA SER A 91 -28.84 -4.13 13.30
C SER A 91 -30.30 -3.76 13.07
N LYS A 92 -30.82 -2.83 13.86
CA LYS A 92 -32.18 -2.35 13.66
C LYS A 92 -32.29 -1.50 12.42
N VAL A 93 -31.28 -0.69 12.14
CA VAL A 93 -31.29 0.08 10.89
C VAL A 93 -31.18 -0.83 9.67
N ILE A 94 -30.36 -1.88 9.74
CA ILE A 94 -30.29 -2.87 8.65
C ILE A 94 -31.66 -3.51 8.43
N TRP A 95 -32.33 -3.88 9.52
CA TRP A 95 -33.68 -4.45 9.43
C TRP A 95 -34.67 -3.44 8.84
N ALA A 96 -34.59 -2.20 9.28
CA ALA A 96 -35.46 -1.14 8.77
C ALA A 96 -35.24 -0.86 7.29
N LEU A 97 -33.99 -0.85 6.83
CA LEU A 97 -33.69 -0.69 5.41
C LEU A 97 -34.11 -1.88 4.58
N TYR A 98 -34.02 -3.09 5.11
CA TYR A 98 -34.62 -4.21 4.40
C TYR A 98 -36.13 -4.07 4.28
N GLN A 99 -36.78 -3.50 5.29
CA GLN A 99 -38.23 -3.26 5.16
C GLN A 99 -38.57 -2.07 4.25
N THR A 100 -37.85 -0.95 4.35
CA THR A 100 -38.20 0.26 3.61
C THR A 100 -37.62 0.30 2.21
N HIS A 101 -36.42 -0.25 2.02
CA HIS A 101 -35.73 -0.26 0.72
C HIS A 101 -35.33 -1.68 0.31
N PRO A 102 -36.29 -2.60 0.20
CA PRO A 102 -35.96 -3.98 -0.19
C PRO A 102 -35.38 -4.12 -1.60
N GLU A 103 -35.35 -3.04 -2.39
CA GLU A 103 -34.65 -3.07 -3.67
C GLU A 103 -33.13 -3.12 -3.56
N LEU A 104 -32.57 -2.69 -2.42
CA LEU A 104 -31.11 -2.69 -2.27
C LEU A 104 -30.55 -4.10 -2.09
N PHE A 105 -31.26 -4.97 -1.38
CA PHE A 105 -30.68 -6.23 -0.92
C PHE A 105 -30.62 -7.29 -2.01
N ARG A 106 -29.40 -7.83 -2.23
CA ARG A 106 -29.11 -8.78 -3.30
C ARG A 106 -28.56 -10.09 -2.75
N GLU A 107 -28.93 -11.18 -3.42
CA GLU A 107 -28.61 -12.54 -2.95
C GLU A 107 -27.11 -12.87 -3.07
N MET A 108 -26.51 -13.22 -1.94
CA MET A 108 -25.17 -13.78 -1.93
C MET A 108 -25.17 -15.21 -2.42
N LYS A 109 -24.24 -15.55 -3.31
CA LYS A 109 -24.12 -16.91 -3.83
C LYS A 109 -22.71 -17.44 -3.63
N LEU A 110 -22.62 -18.73 -3.33
CA LEU A 110 -21.35 -19.39 -3.03
C LEU A 110 -20.44 -19.41 -4.25
N GLU A 111 -19.19 -19.01 -4.07
CA GLU A 111 -18.26 -18.82 -5.18
C GLU A 111 -17.71 -20.13 -5.74
N PRO A 112 -17.28 -20.11 -7.01
CA PRO A 112 -16.46 -21.21 -7.53
C PRO A 112 -15.02 -21.15 -7.04
N PRO A 113 -14.33 -22.30 -7.00
CA PRO A 113 -12.95 -22.33 -6.50
C PRO A 113 -11.92 -21.60 -7.36
N LEU A 114 -12.24 -21.36 -8.63
CA LEU A 114 -11.39 -20.51 -9.46
C LEU A 114 -11.11 -19.17 -8.79
N SER A 115 -12.13 -18.55 -8.21
CA SER A 115 -11.94 -17.24 -7.59
C SER A 115 -10.93 -17.27 -6.46
N SER A 116 -10.82 -18.39 -5.76
CA SER A 116 -9.75 -18.56 -4.79
C SER A 116 -8.40 -18.71 -5.47
N TYR A 117 -8.28 -19.56 -6.49
CA TYR A 117 -6.98 -19.67 -7.15
C TYR A 117 -6.53 -18.34 -7.74
N TYR A 118 -7.45 -17.60 -8.36
CA TYR A 118 -7.12 -16.31 -8.94
C TYR A 118 -6.73 -15.29 -7.87
N ALA A 119 -7.43 -15.29 -6.74
CA ALA A 119 -7.03 -14.46 -5.62
C ALA A 119 -5.61 -14.79 -5.18
N ILE A 120 -5.29 -16.06 -4.98
CA ILE A 120 -3.95 -16.41 -4.53
C ILE A 120 -2.91 -16.15 -5.60
N PHE A 121 -3.27 -16.30 -6.87
CA PHE A 121 -2.39 -15.88 -7.97
C PHE A 121 -2.04 -14.40 -7.90
N LYS A 122 -3.05 -13.53 -7.78
CA LYS A 122 -2.77 -12.10 -7.64
C LYS A 122 -2.12 -11.73 -6.31
N ASP A 123 -2.39 -12.48 -5.25
CA ASP A 123 -1.67 -12.28 -3.99
C ASP A 123 -0.19 -12.62 -4.12
N TYR A 124 0.16 -13.66 -4.87
CA TYR A 124 1.56 -13.91 -5.21
C TYR A 124 2.14 -12.89 -6.20
N GLN A 125 1.37 -12.49 -7.20
CA GLN A 125 1.88 -11.55 -8.19
C GLN A 125 2.21 -10.19 -7.60
N GLU A 126 1.36 -9.65 -6.73
CA GLU A 126 1.71 -8.38 -6.11
C GLU A 126 2.96 -8.51 -5.25
N VAL A 127 3.15 -9.64 -4.58
CA VAL A 127 4.41 -9.90 -3.90
C VAL A 127 5.59 -10.03 -4.86
N ARG A 128 5.35 -10.57 -6.06
CA ARG A 128 6.39 -10.68 -7.08
C ARG A 128 6.80 -9.32 -7.63
N ILE A 129 5.83 -8.49 -7.98
CA ILE A 129 6.08 -7.15 -8.50
C ILE A 129 6.77 -6.29 -7.45
N ARG A 130 6.19 -6.27 -6.26
CA ARG A 130 6.82 -5.69 -5.08
C ARG A 130 8.27 -6.10 -4.89
N THR A 131 8.61 -7.36 -5.14
CA THR A 131 9.98 -7.85 -4.97
C THR A 131 10.89 -7.48 -6.16
N GLY A 132 10.35 -7.52 -7.37
CA GLY A 132 11.06 -7.04 -8.53
C GLY A 132 11.45 -5.57 -8.45
N ASN A 133 10.54 -4.73 -7.96
CA ASN A 133 10.85 -3.32 -7.82
C ASN A 133 11.98 -3.06 -6.83
N ARG A 134 12.09 -3.89 -5.80
CA ARG A 134 13.20 -3.76 -4.87
C ARG A 134 14.50 -4.25 -5.46
N LEU A 135 14.45 -5.32 -6.26
CA LEU A 135 15.61 -5.73 -7.05
C LEU A 135 16.04 -4.68 -8.07
N TYR A 136 15.11 -3.85 -8.54
CA TYR A 136 15.51 -2.70 -9.33
C TYR A 136 16.21 -1.65 -8.48
N SER A 137 15.78 -1.48 -7.25
CA SER A 137 16.26 -0.34 -6.48
C SER A 137 17.62 -0.57 -5.83
N ASP A 138 17.88 -1.76 -5.32
CA ASP A 138 19.26 -2.19 -5.08
C ASP A 138 19.28 -3.71 -4.96
N ARG A 139 20.47 -4.29 -5.18
CA ARG A 139 20.63 -5.71 -5.47
C ARG A 139 21.23 -6.47 -4.31
N THR A 140 20.53 -7.52 -3.87
CA THR A 140 21.01 -8.44 -2.85
C THR A 140 20.45 -9.83 -3.12
N ASP A 141 21.24 -10.86 -2.75
CA ASP A 141 20.87 -12.24 -3.06
C ASP A 141 19.64 -12.72 -2.29
N ALA A 142 19.40 -12.19 -1.08
CA ALA A 142 18.26 -12.62 -0.28
C ALA A 142 16.95 -12.39 -1.00
N MET A 143 16.77 -11.21 -1.57
CA MET A 143 15.60 -10.91 -2.37
C MET A 143 15.62 -11.57 -3.75
N GLU A 144 16.78 -11.92 -4.29
CA GLU A 144 16.79 -12.66 -5.55
C GLU A 144 16.31 -14.10 -5.39
N GLU A 145 16.72 -14.79 -4.33
CA GLU A 145 16.15 -16.11 -4.07
C GLU A 145 14.70 -16.03 -3.67
N PHE A 146 14.33 -15.02 -2.88
CA PHE A 146 12.92 -14.84 -2.61
C PHE A 146 12.13 -14.60 -3.90
N PHE A 147 12.66 -13.76 -4.79
CA PHE A 147 12.02 -13.47 -6.06
C PHE A 147 11.79 -14.73 -6.87
N LYS A 148 12.77 -15.64 -6.85
CA LYS A 148 12.63 -16.92 -7.54
C LYS A 148 11.56 -17.82 -6.91
N ILE A 149 11.49 -17.88 -5.58
CA ILE A 149 10.42 -18.62 -4.93
C ILE A 149 9.04 -18.04 -5.23
N VAL A 150 8.92 -16.72 -5.18
CA VAL A 150 7.65 -16.06 -5.43
C VAL A 150 7.21 -16.24 -6.87
N LYS A 151 8.15 -16.12 -7.81
CA LYS A 151 7.88 -16.46 -9.21
C LYS A 151 7.41 -17.90 -9.37
N LYS A 152 8.00 -18.86 -8.67
CA LYS A 152 7.48 -20.22 -8.73
C LYS A 152 6.05 -20.32 -8.22
N GLY A 153 5.74 -19.69 -7.10
CA GLY A 153 4.36 -19.70 -6.63
C GLY A 153 3.37 -19.08 -7.60
N GLU A 154 3.76 -17.95 -8.19
CA GLU A 154 2.95 -17.31 -9.22
C GLU A 154 2.75 -18.22 -10.42
N HIS A 155 3.81 -18.92 -10.83
CA HIS A 155 3.76 -19.85 -11.94
C HIS A 155 2.86 -21.06 -11.66
N GLU A 156 3.05 -21.71 -10.52
CA GLU A 156 2.21 -22.82 -10.13
C GLU A 156 0.74 -22.46 -10.01
N LEU A 157 0.43 -21.29 -9.47
CA LEU A 157 -0.98 -20.87 -9.42
C LEU A 157 -1.53 -20.37 -10.74
N LYS A 158 -0.70 -19.88 -11.66
CA LYS A 158 -1.18 -19.71 -13.02
C LYS A 158 -1.54 -21.04 -13.66
N LYS A 159 -0.71 -22.06 -13.44
CA LYS A 159 -1.04 -23.43 -13.87
C LYS A 159 -2.29 -23.98 -13.19
N ALA A 160 -2.53 -23.62 -11.94
CA ALA A 160 -3.78 -23.99 -11.26
C ALA A 160 -5.00 -23.29 -11.86
N VAL A 161 -4.89 -22.01 -12.17
CA VAL A 161 -5.97 -21.30 -12.86
C VAL A 161 -6.23 -21.90 -14.22
N ASP A 162 -5.15 -22.14 -14.97
CA ASP A 162 -5.19 -22.84 -16.26
C ASP A 162 -5.90 -24.19 -16.17
N LYS A 163 -5.59 -24.98 -15.14
CA LYS A 163 -6.29 -26.24 -14.92
C LYS A 163 -7.77 -26.04 -14.63
N GLU A 164 -8.10 -25.14 -13.70
CA GLU A 164 -9.48 -24.96 -13.27
C GLU A 164 -10.39 -24.41 -14.36
N LEU A 165 -9.83 -23.59 -15.27
CA LEU A 165 -10.59 -23.05 -16.38
C LEU A 165 -11.23 -24.11 -17.29
N GLU A 166 -10.80 -25.37 -17.21
CA GLU A 166 -11.52 -26.45 -17.89
C GLU A 166 -12.97 -26.61 -17.42
N ASN A 167 -13.28 -26.20 -16.20
CA ASN A 167 -14.64 -26.22 -15.68
C ASN A 167 -15.43 -24.96 -16.00
N HIS A 168 -14.91 -24.09 -16.88
CA HIS A 168 -15.52 -22.80 -17.18
C HIS A 168 -15.82 -22.69 -18.66
N PRO A 169 -17.04 -23.02 -19.08
CA PRO A 169 -17.39 -23.03 -20.51
C PRO A 169 -17.04 -21.78 -21.30
N VAL A 170 -17.21 -20.58 -20.72
CA VAL A 170 -16.89 -19.34 -21.43
C VAL A 170 -15.42 -19.23 -21.82
N TYR A 171 -14.54 -19.95 -21.14
CA TYR A 171 -13.16 -20.04 -21.61
C TYR A 171 -13.02 -21.06 -22.74
N THR A 172 -13.25 -22.34 -22.42
CA THR A 172 -12.98 -23.42 -23.35
C THR A 172 -13.78 -23.29 -24.63
N GLN A 173 -15.00 -22.75 -24.57
CA GLN A 173 -15.79 -22.55 -25.77
C GLN A 173 -15.53 -21.23 -26.50
N TRP A 174 -14.93 -20.23 -25.86
CA TRP A 174 -14.85 -18.90 -26.47
C TRP A 174 -13.54 -18.15 -26.17
N LEU A 175 -13.29 -17.77 -24.92
CA LEU A 175 -12.14 -16.93 -24.65
C LEU A 175 -10.82 -17.61 -24.99
N GLN A 176 -10.78 -18.94 -25.03
CA GLN A 176 -9.57 -19.65 -25.43
C GLN A 176 -9.16 -19.31 -26.86
N HIS A 177 -10.11 -19.08 -27.74
CA HIS A 177 -9.87 -18.95 -29.17
C HIS A 177 -9.52 -17.53 -29.61
N ILE A 178 -9.82 -16.53 -28.79
CA ILE A 178 -9.46 -15.15 -29.10
C ILE A 178 -7.95 -14.98 -28.95
N LYS A 179 -7.29 -14.60 -30.04
CA LYS A 179 -5.85 -14.37 -30.00
C LYS A 179 -5.52 -13.27 -29.00
N GLY A 180 -4.57 -13.55 -28.12
CA GLY A 180 -4.21 -12.61 -27.08
C GLY A 180 -4.99 -12.75 -25.79
N ILE A 181 -5.92 -13.71 -25.70
CA ILE A 181 -6.51 -14.11 -24.44
C ILE A 181 -5.96 -15.47 -24.02
N GLY A 182 -5.56 -15.55 -22.76
CA GLY A 182 -5.12 -16.77 -22.12
C GLY A 182 -5.72 -16.93 -20.74
N PRO A 183 -5.05 -17.72 -19.88
CA PRO A 183 -5.63 -18.08 -18.58
C PRO A 183 -5.82 -16.91 -17.62
N VAL A 184 -4.95 -15.91 -17.60
CA VAL A 184 -5.03 -14.85 -16.59
C VAL A 184 -6.08 -13.80 -16.92
N VAL A 185 -6.14 -13.36 -18.18
CA VAL A 185 -7.26 -12.55 -18.64
C VAL A 185 -8.58 -13.21 -18.29
N ALA A 186 -8.72 -14.48 -18.63
CA ALA A 186 -10.00 -15.15 -18.42
C ALA A 186 -10.26 -15.43 -16.96
N GLY A 187 -9.23 -15.81 -16.22
CA GLY A 187 -9.39 -16.02 -14.79
C GLY A 187 -9.87 -14.77 -14.07
N GLY A 188 -9.29 -13.62 -14.42
CA GLY A 188 -9.74 -12.37 -13.84
C GLY A 188 -11.11 -11.95 -14.31
N LEU A 189 -11.34 -11.99 -15.61
CA LEU A 189 -12.63 -11.56 -16.12
C LEU A 189 -13.78 -12.39 -15.53
N ILE A 190 -13.61 -13.70 -15.49
CA ILE A 190 -14.60 -14.57 -14.87
C ILE A 190 -14.76 -14.25 -13.39
N SER A 191 -13.68 -14.35 -12.60
CA SER A 191 -13.87 -14.24 -11.16
C SER A 191 -14.27 -12.84 -10.71
N LEU A 192 -13.80 -11.79 -11.38
CA LEU A 192 -14.18 -10.42 -11.02
C LEU A 192 -15.64 -10.13 -11.36
N ILE A 193 -16.16 -10.67 -12.45
CA ILE A 193 -17.55 -10.38 -12.78
C ILE A 193 -18.50 -11.37 -12.11
N GLY A 194 -18.21 -12.66 -12.20
CA GLY A 194 -19.01 -13.68 -11.56
C GLY A 194 -20.30 -14.03 -12.28
N ASP A 195 -21.28 -14.50 -11.51
CA ASP A 195 -22.51 -15.01 -12.09
C ASP A 195 -23.24 -13.93 -12.89
N ILE A 196 -23.55 -14.24 -14.16
CA ILE A 196 -24.06 -13.22 -15.07
C ILE A 196 -25.56 -13.02 -14.99
N ASP A 197 -26.26 -13.70 -14.07
CA ASP A 197 -27.62 -13.27 -13.73
C ASP A 197 -27.63 -12.09 -12.77
N ARG A 198 -26.48 -11.71 -12.22
CA ARG A 198 -26.35 -10.50 -11.41
C ARG A 198 -26.51 -9.21 -12.20
N PHE A 199 -26.47 -9.26 -13.53
CA PHE A 199 -26.49 -8.06 -14.37
C PHE A 199 -27.58 -8.24 -15.43
N ASP A 200 -28.75 -7.63 -15.24
CA ASP A 200 -29.84 -7.84 -16.18
C ASP A 200 -29.73 -7.03 -17.47
N SER A 201 -28.77 -6.13 -17.58
CA SER A 201 -28.50 -5.40 -18.81
C SER A 201 -26.99 -5.27 -18.97
N VAL A 202 -26.55 -5.03 -20.20
CA VAL A 202 -25.14 -4.71 -20.41
C VAL A 202 -24.74 -3.46 -19.63
N SER A 203 -25.65 -2.48 -19.56
CA SER A 203 -25.35 -1.23 -18.87
C SER A 203 -25.23 -1.38 -17.36
N LYS A 204 -25.92 -2.35 -16.77
CA LYS A 204 -25.62 -2.71 -15.38
C LYS A 204 -24.19 -3.18 -15.21
N LEU A 205 -23.70 -3.99 -16.15
CA LEU A 205 -22.31 -4.44 -16.09
C LEU A 205 -21.32 -3.30 -16.32
N TRP A 206 -21.58 -2.42 -17.29
CA TRP A 206 -20.71 -1.26 -17.46
C TRP A 206 -20.70 -0.37 -16.22
N ALA A 207 -21.88 -0.12 -15.64
CA ALA A 207 -21.98 0.69 -14.43
C ALA A 207 -21.24 0.07 -13.26
N TYR A 208 -21.44 -1.23 -13.04
CA TYR A 208 -20.68 -1.97 -12.03
C TYR A 208 -19.19 -1.94 -12.29
N ALA A 209 -18.77 -1.98 -13.55
CA ALA A 209 -17.36 -2.01 -13.88
C ALA A 209 -16.70 -0.64 -13.85
N GLY A 210 -17.47 0.43 -13.94
CA GLY A 210 -16.91 1.77 -13.95
C GLY A 210 -16.86 2.42 -15.30
N TYR A 211 -17.69 1.96 -16.24
CA TYR A 211 -17.73 2.45 -17.62
C TYR A 211 -19.00 3.22 -17.96
N SER A 212 -19.88 3.50 -16.99
CA SER A 212 -21.10 4.26 -17.21
C SER A 212 -20.81 5.76 -17.40
N VAL A 213 -21.83 6.49 -17.88
CA VAL A 213 -21.72 7.94 -18.11
C VAL A 213 -22.98 8.66 -17.61
N ASP A 214 -22.80 9.76 -16.87
CA ASP A 214 -23.88 10.69 -16.53
C ASP A 214 -23.65 12.03 -17.23
N ASN A 215 -24.61 12.46 -18.06
CA ASN A 215 -24.55 13.77 -18.74
C ASN A 215 -23.22 14.00 -19.46
N GLY A 216 -22.62 12.93 -19.98
CA GLY A 216 -21.29 13.02 -20.57
C GLY A 216 -20.14 13.04 -19.61
N LYS A 217 -20.33 12.71 -18.34
CA LYS A 217 -19.27 12.70 -17.34
C LYS A 217 -18.99 11.28 -16.85
N VAL A 218 -17.70 10.90 -16.87
CA VAL A 218 -17.28 9.56 -16.45
C VAL A 218 -17.28 9.46 -14.92
N GLN A 219 -17.27 8.21 -14.44
CA GLN A 219 -16.98 7.89 -13.05
C GLN A 219 -15.51 8.12 -12.74
N LYS A 220 -15.22 9.06 -11.84
CA LYS A 220 -13.88 9.32 -11.34
C LYS A 220 -13.81 9.17 -9.84
N ARG A 221 -12.66 8.70 -9.33
CA ARG A 221 -12.39 8.78 -7.91
C ARG A 221 -12.44 10.23 -7.44
N LYS A 222 -12.81 10.41 -6.17
CA LYS A 222 -13.00 11.73 -5.59
C LYS A 222 -13.01 11.60 -4.08
N LYS A 223 -11.99 12.12 -3.41
CA LYS A 223 -11.90 11.99 -1.95
C LYS A 223 -13.14 12.55 -1.26
N GLY A 224 -13.53 11.89 -0.19
CA GLY A 224 -14.75 12.20 0.52
C GLY A 224 -16.02 11.79 -0.15
N VAL A 225 -15.97 11.11 -1.29
CA VAL A 225 -17.17 10.56 -1.93
C VAL A 225 -16.98 9.09 -2.18
N ALA A 226 -17.84 8.27 -1.61
CA ALA A 226 -17.79 6.83 -1.88
C ALA A 226 -18.04 6.57 -3.34
N SER A 227 -17.20 5.73 -3.92
CA SER A 227 -17.39 5.24 -5.26
C SER A 227 -18.52 4.22 -5.28
N ASN A 228 -18.97 3.87 -6.47
CA ASN A 228 -20.04 2.88 -6.59
C ASN A 228 -19.84 1.96 -7.78
N TRP A 229 -18.58 1.66 -8.09
CA TRP A 229 -18.22 0.66 -9.08
C TRP A 229 -17.04 -0.15 -8.56
N LYS A 230 -16.95 -1.39 -9.02
CA LYS A 230 -15.81 -2.26 -8.78
C LYS A 230 -14.70 -1.90 -9.75
N ASN A 231 -13.80 -1.03 -9.32
CA ASN A 231 -12.76 -0.51 -10.20
C ASN A 231 -11.76 -1.56 -10.68
N LYS A 232 -11.59 -2.66 -9.97
CA LYS A 232 -10.66 -3.70 -10.44
C LYS A 232 -11.04 -4.27 -11.80
N ILE A 233 -12.33 -4.36 -12.13
CA ILE A 233 -12.66 -4.83 -13.49
C ILE A 233 -12.31 -3.80 -14.57
N ARG A 234 -12.41 -2.51 -14.29
CA ARG A 234 -11.92 -1.53 -15.27
C ARG A 234 -10.39 -1.51 -15.39
N THR A 235 -9.67 -1.72 -14.29
CA THR A 235 -8.22 -1.96 -14.40
C THR A 235 -7.90 -3.24 -15.18
N HIS A 236 -8.69 -4.28 -15.02
CA HIS A 236 -8.44 -5.53 -15.75
C HIS A 236 -8.72 -5.37 -17.24
N CYS A 237 -9.85 -4.78 -17.57
CA CYS A 237 -10.20 -4.47 -18.94
C CYS A 237 -9.12 -3.65 -19.63
N TYR A 238 -8.47 -2.74 -18.92
CA TYR A 238 -7.34 -2.03 -19.52
C TYR A 238 -6.28 -2.97 -20.08
N ASN A 239 -5.94 -4.03 -19.36
CA ASN A 239 -4.97 -5.02 -19.82
C ASN A 239 -5.50 -5.95 -20.89
N ILE A 240 -6.79 -6.30 -20.85
CA ILE A 240 -7.39 -7.04 -21.96
C ILE A 240 -7.27 -6.24 -23.27
N VAL A 241 -7.58 -4.95 -23.21
CA VAL A 241 -7.47 -4.12 -24.41
C VAL A 241 -6.02 -3.91 -24.81
N ASP A 242 -5.12 -3.75 -23.85
CA ASP A 242 -3.69 -3.71 -24.15
C ASP A 242 -3.23 -4.95 -24.92
N SER A 243 -3.68 -6.12 -24.51
CA SER A 243 -3.42 -7.34 -25.27
C SER A 243 -4.01 -7.30 -26.68
N PHE A 244 -5.27 -6.90 -26.81
CA PHE A 244 -5.87 -6.79 -28.15
C PHE A 244 -5.08 -5.86 -29.07
N ILE A 245 -4.59 -4.76 -28.53
CA ILE A 245 -3.74 -3.85 -29.30
C ILE A 245 -2.44 -4.53 -29.73
N LYS A 246 -1.68 -5.10 -28.78
CA LYS A 246 -0.36 -5.63 -29.12
C LYS A 246 -0.40 -6.88 -30.00
N GLN A 247 -1.46 -7.67 -29.92
CA GLN A 247 -1.56 -8.83 -30.79
C GLN A 247 -2.22 -8.52 -32.13
N ARG A 248 -2.77 -7.33 -32.30
CA ARG A 248 -3.66 -6.97 -33.42
C ARG A 248 -4.81 -7.96 -33.59
N THR A 249 -5.50 -8.24 -32.49
CA THR A 249 -6.55 -9.25 -32.41
C THR A 249 -7.77 -8.88 -33.24
N SER A 250 -7.99 -9.60 -34.34
CA SER A 250 -9.29 -9.75 -35.02
C SER A 250 -10.20 -8.52 -35.03
N VAL A 251 -11.47 -8.69 -34.63
CA VAL A 251 -12.43 -7.58 -34.61
C VAL A 251 -11.95 -6.42 -33.74
N TYR A 252 -11.29 -6.72 -32.63
CA TYR A 252 -11.09 -5.74 -31.59
C TYR A 252 -10.00 -4.72 -31.92
N ARG A 253 -8.96 -5.13 -32.64
CA ARG A 253 -7.96 -4.18 -33.11
C ARG A 253 -8.54 -3.23 -34.15
N GLU A 254 -9.36 -3.75 -35.06
CA GLU A 254 -10.04 -2.90 -36.03
C GLU A 254 -10.88 -1.84 -35.33
N LEU A 255 -11.60 -2.24 -34.29
CA LEU A 255 -12.40 -1.28 -33.52
C LEU A 255 -11.53 -0.25 -32.79
N TYR A 256 -10.37 -0.66 -32.30
CA TYR A 256 -9.44 0.31 -31.74
C TYR A 256 -8.96 1.33 -32.77
N ASP A 257 -8.47 0.87 -33.92
CA ASP A 257 -8.05 1.81 -34.96
C ASP A 257 -9.17 2.74 -35.39
N ALA A 258 -10.36 2.19 -35.60
CA ALA A 258 -11.49 3.00 -36.05
C ALA A 258 -11.83 4.09 -35.06
N GLU A 259 -11.95 3.75 -33.79
CA GLU A 259 -12.26 4.77 -32.79
C GLU A 259 -11.12 5.76 -32.58
N LYS A 260 -9.88 5.28 -32.53
CA LYS A 260 -8.74 6.16 -32.34
C LYS A 260 -8.58 7.18 -33.47
N ALA A 261 -8.94 6.80 -34.70
CA ALA A 261 -9.02 7.76 -35.79
C ALA A 261 -10.23 8.70 -35.67
N ARG A 262 -11.40 8.13 -35.37
CA ARG A 262 -12.63 8.92 -35.26
C ARG A 262 -12.56 9.98 -34.17
N GLN A 263 -11.86 9.71 -33.07
CA GLN A 263 -11.89 10.60 -31.92
C GLN A 263 -10.83 11.71 -31.91
N ARG A 264 -9.67 11.51 -32.54
CA ARG A 264 -8.62 12.52 -32.45
C ARG A 264 -8.99 13.92 -32.95
N PRO A 265 -9.87 14.11 -33.93
CA PRO A 265 -10.40 15.46 -34.21
C PRO A 265 -11.02 16.16 -33.00
N LYS A 266 -11.48 15.44 -31.99
CA LYS A 266 -12.26 15.99 -30.87
C LYS A 266 -11.46 16.27 -29.60
N VAL A 267 -10.16 15.99 -29.56
CA VAL A 267 -9.42 15.98 -28.30
C VAL A 267 -8.03 16.57 -28.52
N GLU A 268 -7.45 17.10 -27.44
CA GLU A 268 -6.29 17.98 -27.56
C GLU A 268 -4.93 17.28 -27.65
N SER A 269 -4.80 16.02 -27.25
CA SER A 269 -3.57 15.29 -27.52
C SER A 269 -3.88 13.83 -27.81
N ASP A 270 -2.92 13.15 -28.45
CA ASP A 270 -3.14 11.79 -28.93
C ASP A 270 -3.59 10.85 -27.82
N GLY A 271 -2.99 10.98 -26.63
CA GLY A 271 -3.32 10.11 -25.52
C GLY A 271 -4.76 10.17 -25.06
N HIS A 272 -5.44 11.28 -25.31
CA HIS A 272 -6.87 11.32 -25.03
C HIS A 272 -7.66 10.49 -26.04
N ALA A 273 -7.31 10.54 -27.31
CA ALA A 273 -7.95 9.66 -28.29
C ALA A 273 -7.64 8.20 -28.02
N HIS A 274 -6.41 7.90 -27.57
CA HIS A 274 -6.06 6.56 -27.14
C HIS A 274 -6.91 6.08 -25.98
N ASN A 275 -6.97 6.85 -24.88
CA ASN A 275 -7.80 6.45 -23.74
C ASN A 275 -9.27 6.31 -24.11
N ARG A 276 -9.79 7.16 -24.99
CA ARG A 276 -11.16 6.98 -25.46
C ARG A 276 -11.34 5.71 -26.30
N ALA A 277 -10.43 5.43 -27.22
CA ALA A 277 -10.49 4.18 -27.98
C ALA A 277 -10.40 2.95 -27.10
N VAL A 278 -9.48 2.94 -26.12
CA VAL A 278 -9.37 1.84 -25.18
C VAL A 278 -10.66 1.62 -24.43
N ARG A 279 -11.23 2.71 -23.89
CA ARG A 279 -12.51 2.63 -23.21
C ARG A 279 -13.59 2.05 -24.11
N LYS A 280 -13.66 2.50 -25.36
CA LYS A 280 -14.65 1.99 -26.30
C LYS A 280 -14.52 0.48 -26.54
N VAL A 281 -13.29 0.00 -26.74
CA VAL A 281 -13.09 -1.42 -26.96
C VAL A 281 -13.37 -2.25 -25.71
N ALA A 282 -12.92 -1.78 -24.54
CA ALA A 282 -13.21 -2.47 -23.27
C ALA A 282 -14.70 -2.60 -23.02
N LYS A 283 -15.45 -1.53 -23.24
CA LYS A 283 -16.90 -1.60 -23.17
C LYS A 283 -17.51 -2.60 -24.16
N VAL A 284 -17.04 -2.61 -25.42
CA VAL A 284 -17.64 -3.54 -26.39
C VAL A 284 -17.27 -4.99 -26.07
N PHE A 285 -16.06 -5.22 -25.60
CA PHE A 285 -15.67 -6.54 -25.13
C PHE A 285 -16.54 -7.01 -23.96
N LEU A 286 -16.81 -6.14 -22.99
CA LEU A 286 -17.72 -6.51 -21.90
C LEU A 286 -19.13 -6.79 -22.40
N GLN A 287 -19.59 -6.04 -23.41
CA GLN A 287 -20.85 -6.40 -24.06
C GLN A 287 -20.83 -7.82 -24.63
N HIS A 288 -19.72 -8.21 -25.29
CA HIS A 288 -19.62 -9.57 -25.84
C HIS A 288 -19.47 -10.63 -24.75
N TYR A 289 -18.72 -10.36 -23.69
CA TYR A 289 -18.66 -11.30 -22.58
C TYR A 289 -20.04 -11.52 -21.95
N TRP A 290 -20.80 -10.45 -21.80
CA TRP A 290 -22.17 -10.57 -21.34
C TRP A 290 -22.99 -11.45 -22.29
N VAL A 291 -23.04 -11.10 -23.58
CA VAL A 291 -23.87 -11.84 -24.53
C VAL A 291 -23.54 -13.34 -24.54
N VAL A 292 -22.27 -13.69 -24.66
CA VAL A 292 -21.86 -15.09 -24.66
C VAL A 292 -22.23 -15.80 -23.36
N SER A 293 -22.00 -15.17 -22.21
CA SER A 293 -22.32 -15.86 -20.95
C SER A 293 -23.83 -16.03 -20.74
N ARG A 294 -24.61 -15.04 -21.13
CA ARG A 294 -26.06 -15.17 -21.04
C ARG A 294 -26.55 -16.32 -21.91
N GLU A 295 -26.02 -16.42 -23.13
CA GLU A 295 -26.45 -17.53 -24.00
C GLU A 295 -25.98 -18.89 -23.48
N LEU A 296 -24.78 -18.96 -22.91
CA LEU A 296 -24.30 -20.20 -22.31
C LEU A 296 -25.18 -20.68 -21.15
N ALA A 297 -25.47 -19.79 -20.20
CA ALA A 297 -26.17 -20.21 -19.00
C ALA A 297 -27.68 -20.29 -19.17
N GLY A 298 -28.22 -19.77 -20.28
CA GLY A 298 -29.65 -19.81 -20.51
C GLY A 298 -30.42 -18.70 -19.85
N PHE A 299 -29.85 -17.51 -19.80
CA PHE A 299 -30.52 -16.29 -19.36
C PHE A 299 -30.97 -15.48 -20.57
N SER A 300 -31.80 -14.48 -20.29
CA SER A 300 -32.42 -13.70 -21.37
C SER A 300 -31.40 -12.86 -22.15
N VAL A 301 -31.60 -12.81 -23.46
CA VAL A 301 -30.89 -11.93 -24.36
C VAL A 301 -31.72 -10.68 -24.63
N SER A 302 -31.11 -9.66 -25.23
CA SER A 302 -31.80 -8.39 -25.47
C SER A 302 -31.18 -7.60 -26.63
N LYS A 317 -20.79 -8.06 -33.12
CA LYS A 317 -20.85 -9.49 -32.84
C LYS A 317 -19.54 -9.98 -32.26
N PRO A 318 -19.62 -10.91 -31.29
CA PRO A 318 -18.42 -11.63 -30.90
C PRO A 318 -17.83 -12.35 -32.08
N PRO A 319 -16.52 -12.56 -32.09
CA PRO A 319 -15.87 -13.12 -33.28
C PRO A 319 -16.15 -14.59 -33.55
N HIS A 320 -15.82 -15.46 -32.60
CA HIS A 320 -15.93 -16.90 -32.79
C HIS A 320 -17.31 -17.47 -32.47
N TRP A 321 -18.15 -16.74 -31.77
CA TRP A 321 -19.38 -17.29 -31.22
C TRP A 321 -20.50 -17.33 -32.24
N ASN A 322 -20.97 -18.54 -32.55
CA ASN A 322 -22.16 -18.78 -33.37
C ASN A 322 -22.93 -19.99 -32.85
N THR B 6 35.49 22.67 -8.49
CA THR B 6 34.64 22.45 -9.65
C THR B 6 33.27 21.96 -9.18
N ILE B 7 32.25 22.81 -9.31
CA ILE B 7 30.89 22.51 -8.86
C ILE B 7 30.04 22.09 -10.06
N LEU B 8 29.29 21.00 -9.90
CA LEU B 8 28.38 20.51 -10.93
C LEU B 8 27.01 20.28 -10.31
N ALA B 9 25.95 20.77 -10.95
CA ALA B 9 24.59 20.55 -10.48
C ALA B 9 23.94 19.53 -11.40
N VAL B 10 23.49 18.41 -10.83
CA VAL B 10 22.93 17.30 -11.59
C VAL B 10 21.45 17.09 -11.28
N ASP B 11 20.63 17.05 -12.31
CA ASP B 11 19.23 16.67 -12.22
C ASP B 11 19.27 15.19 -12.51
N TRP B 12 19.44 14.40 -11.46
CA TRP B 12 19.67 12.96 -11.57
C TRP B 12 18.48 12.18 -12.12
N SER B 13 18.81 11.01 -12.67
CA SER B 13 17.84 10.10 -13.27
C SER B 13 18.50 8.74 -13.43
N HIS B 14 17.67 7.72 -13.67
CA HIS B 14 18.23 6.41 -13.96
C HIS B 14 18.54 6.24 -15.45
N GLU B 15 17.63 6.68 -16.31
CA GLU B 15 17.83 6.59 -17.76
C GLU B 15 18.72 7.75 -18.22
N GLU B 16 19.84 7.43 -18.88
CA GLU B 16 20.79 8.46 -19.30
C GLU B 16 20.22 9.45 -20.29
N ARG B 17 19.14 9.12 -20.97
CA ARG B 17 18.51 10.09 -21.86
C ARG B 17 17.97 11.29 -21.07
N LYS B 18 17.52 11.07 -19.84
CA LYS B 18 17.03 12.13 -18.97
C LYS B 18 18.12 12.89 -18.21
N LEU B 19 19.25 12.26 -17.94
CA LEU B 19 20.30 12.88 -17.14
C LEU B 19 20.73 14.24 -17.69
N ALA B 20 20.95 15.19 -16.79
CA ALA B 20 21.37 16.53 -17.14
C ALA B 20 22.26 17.10 -16.06
N ILE B 21 23.33 17.78 -16.46
CA ILE B 21 24.28 18.40 -15.56
C ILE B 21 24.57 19.82 -16.04
N PHE B 22 24.64 20.76 -15.10
CA PHE B 22 24.99 22.14 -15.41
C PHE B 22 26.29 22.46 -14.69
N ASP B 23 27.30 22.89 -15.45
CA ASP B 23 28.61 23.21 -14.90
C ASP B 23 28.75 24.68 -14.52
N GLY B 24 27.67 25.44 -14.60
CA GLY B 24 27.69 26.87 -14.36
C GLY B 24 27.79 27.72 -15.60
N LYS B 25 28.04 27.09 -16.76
CA LYS B 25 28.16 27.79 -18.02
C LYS B 25 27.43 27.08 -19.15
N LYS B 26 27.44 25.74 -19.15
CA LYS B 26 26.81 24.94 -20.19
C LYS B 26 26.16 23.68 -19.59
N ILE B 27 25.29 23.07 -20.40
CA ILE B 27 24.57 21.85 -20.02
C ILE B 27 25.30 20.64 -20.60
N ARG B 28 25.52 19.64 -19.77
CA ARG B 28 26.17 18.39 -20.16
C ARG B 28 25.22 17.22 -19.96
N LYS B 29 25.37 16.20 -20.79
CA LYS B 29 24.52 15.02 -20.72
C LYS B 29 25.04 13.92 -19.81
N LYS B 30 26.34 13.93 -19.46
CA LYS B 30 26.91 12.86 -18.65
C LYS B 30 27.94 13.40 -17.67
N LEU B 31 28.13 12.67 -16.55
CA LEU B 31 29.09 13.02 -15.51
C LEU B 31 30.53 12.63 -15.87
N PRO B 32 31.51 13.34 -15.33
CA PRO B 32 32.92 13.04 -15.56
C PRO B 32 33.40 11.86 -14.71
N GLU B 33 34.68 11.55 -14.88
CA GLU B 33 35.29 10.51 -14.05
C GLU B 33 35.46 11.03 -12.63
N PRO B 34 35.27 10.18 -11.61
CA PRO B 34 35.38 10.64 -10.23
C PRO B 34 36.74 11.23 -9.88
N SER B 35 36.71 12.35 -9.17
CA SER B 35 37.89 13.06 -8.69
C SER B 35 37.47 13.95 -7.54
N SER B 36 38.32 14.03 -6.51
CA SER B 36 38.00 14.85 -5.35
C SER B 36 37.93 16.34 -5.68
N ASP B 37 38.33 16.73 -6.88
CA ASP B 37 38.21 18.11 -7.35
C ASP B 37 36.78 18.49 -7.66
N VAL B 38 35.90 17.51 -7.86
CA VAL B 38 34.51 17.72 -8.25
C VAL B 38 33.61 17.70 -7.04
N ILE B 39 32.75 18.72 -6.92
CA ILE B 39 31.72 18.80 -5.90
C ILE B 39 30.39 18.73 -6.63
N ILE B 40 29.59 17.72 -6.30
CA ILE B 40 28.30 17.51 -6.92
C ILE B 40 27.21 18.03 -5.99
N VAL B 41 26.21 18.69 -6.57
CA VAL B 41 25.04 19.14 -5.82
C VAL B 41 23.82 18.55 -6.54
N ALA B 42 22.94 17.94 -5.78
CA ALA B 42 21.83 17.24 -6.37
C ALA B 42 20.63 17.25 -5.44
N GLU B 43 19.47 17.05 -6.03
CA GLU B 43 18.22 16.95 -5.29
C GLU B 43 17.83 15.50 -5.07
N ASN B 44 18.41 14.87 -4.04
CA ASN B 44 18.12 13.47 -3.66
C ASN B 44 18.71 12.38 -4.58
N ILE B 45 19.95 12.53 -5.03
CA ILE B 45 20.58 11.52 -5.91
C ILE B 45 20.80 10.20 -5.16
N PRO B 46 20.44 9.05 -5.74
CA PRO B 46 20.68 7.76 -5.10
C PRO B 46 22.14 7.44 -4.84
N GLN B 47 22.37 6.63 -3.81
CA GLN B 47 23.72 6.16 -3.50
C GLN B 47 24.30 5.34 -4.64
N LYS B 48 23.44 4.68 -5.41
CA LYS B 48 23.86 3.92 -6.59
C LYS B 48 24.75 4.74 -7.52
N TYR B 49 24.38 6.00 -7.76
CA TYR B 49 25.11 6.89 -8.65
C TYR B 49 26.18 7.72 -7.97
N ALA B 50 25.99 8.07 -6.70
CA ALA B 50 26.95 8.88 -5.98
C ALA B 50 28.09 8.10 -5.34
N ALA B 51 27.92 6.81 -5.07
CA ALA B 51 28.98 6.04 -4.39
C ALA B 51 30.35 6.11 -5.06
N PRO B 52 30.48 6.01 -6.39
CA PRO B 52 31.81 6.18 -7.00
C PRO B 52 32.50 7.47 -6.61
N PHE B 53 31.74 8.54 -6.41
CA PHE B 53 32.28 9.83 -6.02
C PHE B 53 32.63 9.85 -4.55
N ILE B 54 31.77 9.28 -3.70
CA ILE B 54 32.06 9.23 -2.27
C ILE B 54 33.36 8.47 -1.99
N GLU B 55 33.59 7.37 -2.71
CA GLU B 55 34.82 6.60 -2.49
C GLU B 55 36.10 7.33 -2.87
N VAL B 56 36.03 8.42 -3.64
CA VAL B 56 37.22 9.15 -4.06
C VAL B 56 37.30 10.52 -3.39
N GLY B 57 36.44 10.79 -2.43
CA GLY B 57 36.39 12.05 -1.70
C GLY B 57 35.69 13.18 -2.40
N ALA B 58 35.04 12.92 -3.53
CA ALA B 58 34.28 13.95 -4.22
C ALA B 58 33.00 14.20 -3.45
N LYS B 59 32.92 15.35 -2.77
CA LYS B 59 31.79 15.64 -1.91
C LYS B 59 30.50 15.71 -2.72
N VAL B 60 29.45 15.07 -2.21
CA VAL B 60 28.14 15.10 -2.82
C VAL B 60 27.22 15.75 -1.80
N LEU B 61 26.60 16.85 -2.19
CA LEU B 61 25.69 17.58 -1.33
C LEU B 61 24.29 17.44 -1.90
N ARG B 62 23.34 17.12 -1.03
CA ARG B 62 21.96 16.91 -1.41
C ARG B 62 21.03 17.79 -0.61
N CYS B 63 19.88 18.09 -1.19
CA CYS B 63 18.84 18.89 -0.57
C CYS B 63 17.49 18.20 -0.74
N SER B 64 16.53 18.62 0.06
CA SER B 64 15.19 18.05 0.04
C SER B 64 14.55 18.17 -1.34
N THR B 65 13.77 17.16 -1.71
CA THR B 65 13.06 17.22 -2.99
C THR B 65 12.04 18.34 -3.03
N ASN B 66 11.69 18.89 -1.89
CA ASN B 66 10.78 20.03 -1.78
C ASN B 66 11.46 21.39 -1.82
N ALA B 67 12.78 21.47 -1.70
CA ALA B 67 13.46 22.76 -1.65
C ALA B 67 13.21 23.59 -2.91
N THR B 68 13.33 23.00 -4.08
CA THR B 68 13.05 23.73 -5.31
C THR B 68 11.57 24.01 -5.49
N ALA B 69 10.72 23.05 -5.14
CA ALA B 69 9.28 23.25 -5.28
C ALA B 69 8.81 24.40 -4.40
N ASP B 70 9.39 24.54 -3.21
CA ASP B 70 9.01 25.64 -2.33
C ASP B 70 9.71 26.94 -2.69
N ALA B 71 10.84 26.88 -3.38
CA ALA B 71 11.47 28.13 -3.83
C ALA B 71 10.65 28.74 -4.95
N ARG B 72 10.06 27.91 -5.80
CA ARG B 72 9.24 28.38 -6.90
C ARG B 72 7.93 29.02 -6.45
N LYS B 73 7.59 28.98 -5.16
CA LYS B 73 6.36 29.61 -4.69
C LYS B 73 6.48 31.13 -4.66
N ASN B 74 7.69 31.67 -4.72
CA ASN B 74 7.96 33.11 -4.65
C ASN B 74 7.96 33.80 -6.02
N ASN B 86 13.27 25.08 -21.06
CA ASN B 86 13.11 23.64 -21.19
C ASN B 86 13.06 22.91 -19.84
N ASP B 87 12.68 21.62 -19.91
CA ASP B 87 12.55 20.78 -18.71
C ASP B 87 13.88 20.58 -18.01
N GLU B 88 14.99 20.57 -18.77
CA GLU B 88 16.34 20.46 -18.23
C GLU B 88 16.77 21.67 -17.41
N ASN B 89 16.03 22.78 -17.47
CA ASN B 89 16.36 23.97 -16.68
C ASN B 89 16.45 23.68 -15.19
N ASP B 90 15.80 22.63 -14.69
CA ASP B 90 15.88 22.34 -13.26
C ASP B 90 17.32 22.08 -12.81
N SER B 91 18.19 21.60 -13.71
CA SER B 91 19.60 21.48 -13.35
C SER B 91 20.21 22.82 -13.00
N LYS B 92 19.75 23.88 -13.68
CA LYS B 92 20.22 25.23 -13.37
C LYS B 92 19.63 25.73 -12.07
N VAL B 93 18.37 25.40 -11.79
CA VAL B 93 17.75 25.86 -10.55
C VAL B 93 18.45 25.28 -9.34
N ILE B 94 18.85 24.00 -9.42
CA ILE B 94 19.61 23.42 -8.32
C ILE B 94 20.89 24.21 -8.13
N TRP B 95 21.55 24.56 -9.23
CA TRP B 95 22.77 25.34 -9.15
C TRP B 95 22.49 26.69 -8.50
N ALA B 96 21.39 27.32 -8.90
CA ALA B 96 21.02 28.61 -8.32
C ALA B 96 20.74 28.48 -6.83
N LEU B 97 20.03 27.41 -6.44
CA LEU B 97 19.74 27.21 -5.03
C LEU B 97 21.00 26.94 -4.25
N TYR B 98 21.94 26.20 -4.84
CA TYR B 98 23.19 25.97 -4.13
C TYR B 98 23.95 27.28 -3.95
N GLN B 99 23.87 28.18 -4.93
CA GLN B 99 24.59 29.45 -4.82
C GLN B 99 23.95 30.42 -3.84
N THR B 100 22.63 30.50 -3.79
CA THR B 100 21.99 31.45 -2.90
C THR B 100 21.79 30.94 -1.47
N HIS B 101 21.44 29.67 -1.30
CA HIS B 101 21.21 29.08 0.03
C HIS B 101 21.90 27.74 0.21
N PRO B 102 23.23 27.71 0.24
CA PRO B 102 23.94 26.42 0.39
C PRO B 102 23.66 25.70 1.72
N GLU B 103 23.02 26.37 2.69
CA GLU B 103 22.69 25.71 3.95
C GLU B 103 21.61 24.64 3.77
N LEU B 104 20.87 24.68 2.68
CA LEU B 104 19.87 23.66 2.39
C LEU B 104 20.52 22.35 1.95
N PHE B 105 21.78 22.38 1.57
CA PHE B 105 22.51 21.23 1.04
C PHE B 105 23.35 20.57 2.13
N ARG B 106 23.16 19.27 2.31
CA ARG B 106 23.81 18.45 3.33
C ARG B 106 24.64 17.34 2.70
N GLU B 107 25.80 17.06 3.30
CA GLU B 107 26.75 16.09 2.75
C GLU B 107 26.25 14.65 2.86
N MET B 108 26.11 13.99 1.70
CA MET B 108 25.68 12.60 1.64
C MET B 108 26.82 11.67 2.06
N LYS B 109 26.50 10.67 2.87
CA LYS B 109 27.49 9.72 3.37
C LYS B 109 27.09 8.30 3.04
N LEU B 110 28.07 7.45 2.74
CA LEU B 110 27.82 6.06 2.38
C LEU B 110 27.23 5.31 3.59
N GLU B 111 26.11 4.60 3.37
CA GLU B 111 25.40 3.94 4.46
C GLU B 111 26.09 2.68 4.98
N PRO B 112 25.89 2.34 6.26
CA PRO B 112 26.44 1.10 6.79
C PRO B 112 25.64 -0.10 6.32
N PRO B 113 26.26 -1.28 6.28
CA PRO B 113 25.53 -2.47 5.79
C PRO B 113 24.34 -2.84 6.67
N LEU B 114 24.33 -2.40 7.92
CA LEU B 114 23.18 -2.60 8.78
C LEU B 114 21.90 -2.06 8.15
N SER B 115 21.96 -0.88 7.53
CA SER B 115 20.78 -0.31 6.91
C SER B 115 20.23 -1.20 5.80
N SER B 116 21.10 -1.93 5.11
CA SER B 116 20.62 -2.85 4.08
C SER B 116 19.93 -4.04 4.72
N TYR B 117 20.56 -4.65 5.74
CA TYR B 117 19.90 -5.78 6.39
C TYR B 117 18.58 -5.38 7.03
N TYR B 118 18.52 -4.21 7.67
CA TYR B 118 17.27 -3.76 8.27
C TYR B 118 16.21 -3.49 7.20
N ALA B 119 16.60 -2.89 6.08
CA ALA B 119 15.66 -2.70 4.97
C ALA B 119 15.11 -4.02 4.46
N ILE B 120 15.99 -5.01 4.22
CA ILE B 120 15.52 -6.31 3.73
C ILE B 120 14.68 -7.02 4.78
N PHE B 121 15.04 -6.85 6.04
CA PHE B 121 14.27 -7.39 7.16
C PHE B 121 12.86 -6.81 7.16
N LYS B 122 12.73 -5.50 7.08
CA LYS B 122 11.40 -4.88 7.02
C LYS B 122 10.66 -5.22 5.74
N ASP B 123 11.37 -5.47 4.63
CA ASP B 123 10.70 -5.91 3.41
C ASP B 123 10.10 -7.30 3.60
N TYR B 124 10.83 -8.18 4.26
CA TYR B 124 10.29 -9.50 4.58
C TYR B 124 9.20 -9.43 5.64
N GLN B 125 9.38 -8.59 6.67
CA GLN B 125 8.36 -8.50 7.70
C GLN B 125 7.05 -8.00 7.14
N GLU B 126 7.09 -6.97 6.30
CA GLU B 126 5.84 -6.48 5.72
C GLU B 126 5.21 -7.56 4.84
N VAL B 127 6.03 -8.36 4.15
CA VAL B 127 5.44 -9.46 3.39
C VAL B 127 4.82 -10.51 4.31
N ARG B 128 5.42 -10.71 5.49
CA ARG B 128 4.87 -11.65 6.47
C ARG B 128 3.55 -11.15 7.02
N ILE B 129 3.48 -9.88 7.41
CA ILE B 129 2.24 -9.32 7.92
C ILE B 129 1.15 -9.41 6.87
N ARG B 130 1.43 -8.95 5.66
CA ARG B 130 0.53 -9.07 4.53
C ARG B 130 0.01 -10.49 4.31
N THR B 131 0.88 -11.48 4.44
CA THR B 131 0.53 -12.89 4.21
C THR B 131 -0.26 -13.47 5.38
N GLY B 132 0.14 -13.14 6.62
CA GLY B 132 -0.61 -13.56 7.78
C GLY B 132 -2.01 -12.99 7.80
N ASN B 133 -2.16 -11.73 7.40
CA ASN B 133 -3.49 -11.14 7.34
C ASN B 133 -4.33 -11.83 6.29
N ARG B 134 -3.70 -12.31 5.21
CA ARG B 134 -4.49 -13.07 4.24
C ARG B 134 -4.89 -14.41 4.83
N LEU B 135 -4.00 -15.04 5.62
CA LEU B 135 -4.34 -16.27 6.31
C LEU B 135 -5.46 -16.07 7.32
N TYR B 136 -5.55 -14.88 7.91
CA TYR B 136 -6.65 -14.61 8.82
C TYR B 136 -7.96 -14.50 8.06
N SER B 137 -7.90 -13.94 6.86
CA SER B 137 -9.12 -13.73 6.09
C SER B 137 -9.57 -15.00 5.36
N ASP B 138 -8.63 -15.82 4.92
CA ASP B 138 -8.96 -17.08 4.25
C ASP B 138 -7.81 -18.05 4.47
N ARG B 139 -8.12 -19.34 4.49
CA ARG B 139 -7.14 -20.37 4.74
C ARG B 139 -6.92 -21.20 3.47
N THR B 140 -5.65 -21.34 3.10
CA THR B 140 -5.25 -22.06 1.91
C THR B 140 -3.92 -22.74 2.18
N ASP B 141 -3.70 -23.90 1.57
CA ASP B 141 -2.41 -24.57 1.75
C ASP B 141 -1.29 -23.79 1.11
N ALA B 142 -1.58 -23.15 -0.03
CA ALA B 142 -0.58 -22.38 -0.76
C ALA B 142 0.01 -21.28 0.09
N MET B 143 -0.84 -20.51 0.74
CA MET B 143 -0.35 -19.41 1.55
C MET B 143 0.22 -19.88 2.88
N GLU B 144 -0.19 -21.02 3.41
CA GLU B 144 0.41 -21.49 4.65
C GLU B 144 1.84 -21.97 4.42
N GLU B 145 2.07 -22.63 3.28
CA GLU B 145 3.42 -23.03 2.93
C GLU B 145 4.26 -21.79 2.66
N PHE B 146 3.66 -20.80 1.98
CA PHE B 146 4.33 -19.52 1.75
C PHE B 146 4.62 -18.79 3.05
N PHE B 147 3.65 -18.74 3.95
CA PHE B 147 3.81 -18.05 5.22
C PHE B 147 4.99 -18.62 5.98
N LYS B 148 5.18 -19.93 5.92
CA LYS B 148 6.32 -20.57 6.56
C LYS B 148 7.64 -20.15 5.90
N ILE B 149 7.66 -20.08 4.57
CA ILE B 149 8.86 -19.60 3.86
C ILE B 149 9.19 -18.15 4.20
N VAL B 150 8.17 -17.28 4.24
CA VAL B 150 8.38 -15.88 4.56
C VAL B 150 8.85 -15.70 6.00
N LYS B 151 8.24 -16.44 6.94
CA LYS B 151 8.70 -16.40 8.32
C LYS B 151 10.16 -16.81 8.43
N LYS B 152 10.56 -17.84 7.68
CA LYS B 152 11.97 -18.23 7.71
C LYS B 152 12.87 -17.10 7.25
N GLY B 153 12.49 -16.41 6.18
CA GLY B 153 13.30 -15.29 5.72
C GLY B 153 13.40 -14.17 6.73
N GLU B 154 12.27 -13.80 7.34
CA GLU B 154 12.27 -12.78 8.39
C GLU B 154 13.14 -13.18 9.57
N HIS B 155 13.08 -14.43 9.98
CA HIS B 155 13.89 -14.95 11.09
C HIS B 155 15.38 -14.88 10.78
N GLU B 156 15.78 -15.38 9.61
CA GLU B 156 17.18 -15.32 9.20
C GLU B 156 17.67 -13.88 9.10
N LEU B 157 16.84 -12.95 8.62
CA LEU B 157 17.31 -11.57 8.58
C LEU B 157 17.32 -10.90 9.95
N LYS B 158 16.48 -11.36 10.87
CA LYS B 158 16.59 -10.86 12.23
C LYS B 158 17.93 -11.29 12.80
N LYS B 159 18.32 -12.54 12.55
CA LYS B 159 19.65 -13.00 12.98
C LYS B 159 20.76 -12.22 12.28
N ALA B 160 20.55 -11.82 11.02
CA ALA B 160 21.53 -11.01 10.31
C ALA B 160 21.66 -9.63 10.93
N VAL B 161 20.55 -8.99 11.26
CA VAL B 161 20.55 -7.68 11.93
C VAL B 161 21.23 -7.79 13.29
N ASP B 162 20.81 -8.77 14.07
CA ASP B 162 21.38 -9.05 15.38
C ASP B 162 22.89 -9.23 15.30
N LYS B 163 23.34 -10.00 14.31
CA LYS B 163 24.78 -10.20 14.09
C LYS B 163 25.50 -8.92 13.70
N GLU B 164 24.92 -8.14 12.79
CA GLU B 164 25.55 -6.89 12.38
C GLU B 164 25.63 -5.85 13.49
N LEU B 165 24.67 -5.86 14.42
CA LEU B 165 24.70 -4.92 15.53
C LEU B 165 25.92 -5.06 16.41
N GLU B 166 26.66 -6.16 16.31
CA GLU B 166 27.88 -6.30 17.08
C GLU B 166 28.91 -5.22 16.76
N ASN B 167 28.83 -4.64 15.57
CA ASN B 167 29.71 -3.58 15.10
C ASN B 167 29.25 -2.18 15.46
N HIS B 168 28.22 -2.03 16.29
CA HIS B 168 27.63 -0.73 16.62
C HIS B 168 27.72 -0.39 18.10
N PRO B 169 28.69 0.43 18.50
CA PRO B 169 28.87 0.76 19.92
C PRO B 169 27.63 1.18 20.67
N VAL B 170 26.73 1.97 20.05
CA VAL B 170 25.51 2.38 20.73
C VAL B 170 24.63 1.21 21.09
N TYR B 171 24.76 0.08 20.40
CA TYR B 171 23.99 -1.10 20.79
C TYR B 171 24.66 -1.83 21.95
N THR B 172 25.83 -2.41 21.69
CA THR B 172 26.51 -3.25 22.68
C THR B 172 26.83 -2.49 23.97
N GLN B 173 27.18 -1.21 23.88
CA GLN B 173 27.54 -0.46 25.09
C GLN B 173 26.37 0.19 25.80
N TRP B 174 25.21 0.34 25.17
CA TRP B 174 24.12 0.99 25.89
C TRP B 174 22.75 0.36 25.67
N LEU B 175 22.23 0.39 24.44
CA LEU B 175 20.89 -0.13 24.20
C LEU B 175 20.75 -1.60 24.54
N GLN B 176 21.84 -2.36 24.50
CA GLN B 176 21.77 -3.78 24.83
C GLN B 176 21.37 -4.04 26.26
N HIS B 177 21.72 -3.14 27.18
CA HIS B 177 21.46 -3.35 28.59
C HIS B 177 20.07 -2.92 29.04
N ILE B 178 19.38 -2.09 28.27
CA ILE B 178 18.05 -1.60 28.62
C ILE B 178 17.02 -2.69 28.44
N LYS B 179 16.28 -3.00 29.49
CA LYS B 179 15.20 -3.98 29.40
C LYS B 179 14.16 -3.54 28.37
N GLY B 180 13.78 -4.45 27.48
CA GLY B 180 12.81 -4.14 26.44
C GLY B 180 13.41 -3.68 25.13
N ILE B 181 14.73 -3.62 25.01
CA ILE B 181 15.41 -3.29 23.76
C ILE B 181 16.13 -4.53 23.25
N GLY B 182 15.93 -4.83 21.97
CA GLY B 182 16.57 -5.95 21.31
C GLY B 182 17.11 -5.56 19.96
N PRO B 183 17.36 -6.55 19.10
CA PRO B 183 17.92 -6.26 17.76
C PRO B 183 17.02 -5.46 16.83
N VAL B 184 15.70 -5.61 16.87
CA VAL B 184 14.85 -4.89 15.93
C VAL B 184 14.67 -3.44 16.36
N VAL B 185 14.38 -3.19 17.64
CA VAL B 185 14.26 -1.82 18.13
C VAL B 185 15.55 -1.05 17.85
N ALA B 186 16.69 -1.63 18.20
CA ALA B 186 17.94 -0.93 18.02
C ALA B 186 18.33 -0.80 16.57
N GLY B 187 18.13 -1.86 15.78
CA GLY B 187 18.45 -1.79 14.37
C GLY B 187 17.65 -0.72 13.66
N GLY B 188 16.36 -0.63 13.98
CA GLY B 188 15.51 0.37 13.37
C GLY B 188 15.88 1.79 13.80
N LEU B 189 16.12 1.98 15.09
CA LEU B 189 16.50 3.30 15.58
C LEU B 189 17.80 3.79 14.95
N ILE B 190 18.82 2.92 14.92
CA ILE B 190 20.10 3.28 14.34
C ILE B 190 19.97 3.61 12.86
N SER B 191 19.42 2.67 12.07
CA SER B 191 19.35 2.95 10.65
C SER B 191 18.37 4.06 10.27
N LEU B 192 17.25 4.24 10.98
CA LEU B 192 16.34 5.34 10.64
C LEU B 192 16.94 6.70 10.96
N ILE B 193 17.71 6.83 12.01
CA ILE B 193 18.28 8.14 12.31
C ILE B 193 19.55 8.39 11.50
N GLY B 194 20.39 7.38 11.36
CA GLY B 194 21.66 7.51 10.68
C GLY B 194 22.68 8.17 11.58
N ASP B 195 23.71 8.77 10.99
CA ASP B 195 24.71 9.45 11.80
C ASP B 195 24.12 10.58 12.62
N ILE B 196 24.47 10.58 13.91
CA ILE B 196 23.99 11.61 14.85
C ILE B 196 24.74 12.92 14.74
N ASP B 197 25.74 13.04 13.87
CA ASP B 197 26.40 14.33 13.68
C ASP B 197 25.56 15.26 12.81
N ARG B 198 24.52 14.73 12.20
CA ARG B 198 23.58 15.48 11.40
C ARG B 198 22.68 16.39 12.23
N PHE B 199 22.63 16.19 13.54
CA PHE B 199 21.73 16.96 14.41
C PHE B 199 22.58 17.60 15.49
N ASP B 200 22.81 18.90 15.40
CA ASP B 200 23.66 19.57 16.38
C ASP B 200 22.96 19.82 17.71
N SER B 201 21.66 19.59 17.80
CA SER B 201 20.93 19.74 19.05
C SER B 201 19.82 18.71 19.16
N VAL B 202 19.41 18.41 20.39
CA VAL B 202 18.30 17.48 20.61
C VAL B 202 17.05 18.00 19.93
N SER B 203 16.87 19.31 19.89
CA SER B 203 15.70 19.89 19.27
C SER B 203 15.69 19.67 17.76
N LYS B 204 16.86 19.61 17.13
CA LYS B 204 16.95 19.25 15.72
C LYS B 204 16.45 17.84 15.47
N LEU B 205 16.85 16.89 16.33
CA LEU B 205 16.39 15.52 16.20
C LEU B 205 14.89 15.43 16.48
N TRP B 206 14.38 16.13 17.49
CA TRP B 206 12.94 16.10 17.72
C TRP B 206 12.19 16.62 16.50
N ALA B 207 12.68 17.70 15.90
CA ALA B 207 12.05 18.27 14.70
C ALA B 207 12.10 17.30 13.53
N TYR B 208 13.28 16.73 13.25
CA TYR B 208 13.43 15.74 12.19
C TYR B 208 12.58 14.51 12.43
N ALA B 209 12.46 14.09 13.69
CA ALA B 209 11.69 12.92 14.04
C ALA B 209 10.19 13.17 14.08
N GLY B 210 9.75 14.41 14.23
CA GLY B 210 8.35 14.74 14.24
C GLY B 210 7.75 15.05 15.57
N TYR B 211 8.56 15.44 16.56
CA TYR B 211 8.15 15.73 17.92
C TYR B 211 8.23 17.21 18.30
N SER B 212 8.53 18.11 17.36
CA SER B 212 8.68 19.52 17.67
C SER B 212 7.33 20.19 17.94
N VAL B 213 7.38 21.41 18.49
CA VAL B 213 6.18 22.18 18.85
C VAL B 213 6.32 23.61 18.33
N ASP B 214 5.29 24.09 17.62
CA ASP B 214 5.23 25.48 17.13
C ASP B 214 4.03 26.17 17.77
N ASN B 215 4.29 27.19 18.59
CA ASN B 215 3.22 27.94 19.27
C ASN B 215 2.18 27.02 19.90
N GLY B 216 2.65 25.88 20.43
CA GLY B 216 1.79 24.89 21.05
C GLY B 216 1.11 23.90 20.12
N LYS B 217 1.47 23.84 18.85
CA LYS B 217 0.91 22.88 17.91
C LYS B 217 1.98 21.89 17.45
N VAL B 218 1.63 20.60 17.49
CA VAL B 218 2.49 19.52 17.05
C VAL B 218 2.42 19.36 15.54
N GLN B 219 3.44 18.70 14.98
CA GLN B 219 3.52 18.36 13.56
C GLN B 219 2.53 17.27 13.21
N LYS B 220 1.59 17.56 12.31
CA LYS B 220 0.60 16.58 11.89
C LYS B 220 0.54 16.48 10.38
N ARG B 221 0.33 15.28 9.86
CA ARG B 221 0.21 15.11 8.42
C ARG B 221 -0.93 15.98 7.92
N LYS B 222 -0.82 16.47 6.69
CA LYS B 222 -1.80 17.41 6.16
C LYS B 222 -1.84 17.34 4.65
N LYS B 223 -2.96 16.89 4.08
CA LYS B 223 -3.13 16.80 2.63
C LYS B 223 -2.74 18.11 1.96
N GLY B 224 -1.92 18.02 0.92
CA GLY B 224 -1.55 19.20 0.18
C GLY B 224 -0.37 19.95 0.75
N VAL B 225 0.18 19.52 1.87
CA VAL B 225 1.32 20.17 2.48
C VAL B 225 2.39 19.11 2.65
N ALA B 226 3.53 19.33 2.04
CA ALA B 226 4.65 18.43 2.19
C ALA B 226 5.12 18.43 3.63
N SER B 227 5.30 17.24 4.17
CA SER B 227 5.80 17.12 5.52
C SER B 227 7.27 17.51 5.56
N ASN B 228 7.81 17.69 6.75
CA ASN B 228 9.22 18.03 6.86
C ASN B 228 9.88 17.29 8.02
N TRP B 229 9.37 16.10 8.32
CA TRP B 229 9.93 15.22 9.33
C TRP B 229 9.89 13.80 8.79
N LYS B 230 10.80 12.97 9.27
CA LYS B 230 10.84 11.56 8.92
C LYS B 230 9.86 10.82 9.83
N ASN B 231 8.62 10.67 9.42
CA ASN B 231 7.61 10.07 10.29
C ASN B 231 7.91 8.63 10.69
N LYS B 232 8.71 7.91 9.92
CA LYS B 232 9.06 6.55 10.31
C LYS B 232 9.81 6.49 11.63
N ILE B 233 10.63 7.48 11.98
CA ILE B 233 11.26 7.42 13.29
C ILE B 233 10.25 7.69 14.41
N ARG B 234 9.23 8.51 14.18
CA ARG B 234 8.20 8.68 15.20
C ARG B 234 7.36 7.42 15.36
N THR B 235 7.08 6.72 14.27
CA THR B 235 6.37 5.44 14.38
C THR B 235 7.22 4.39 15.09
N HIS B 236 8.52 4.37 14.84
CA HIS B 236 9.38 3.42 15.52
C HIS B 236 9.46 3.71 17.01
N CYS B 237 9.65 4.99 17.35
CA CYS B 237 9.71 5.40 18.75
C CYS B 237 8.46 5.00 19.51
N TYR B 238 7.30 5.03 18.83
CA TYR B 238 6.09 4.56 19.49
C TYR B 238 6.24 3.13 19.99
N ASN B 239 6.88 2.27 19.21
CA ASN B 239 7.10 0.88 19.62
C ASN B 239 8.17 0.77 20.68
N ILE B 240 9.15 1.65 20.67
CA ILE B 240 10.17 1.62 21.72
C ILE B 240 9.52 1.91 23.08
N VAL B 241 8.68 2.95 23.12
CA VAL B 241 7.99 3.30 24.36
C VAL B 241 6.98 2.22 24.73
N ASP B 242 6.27 1.67 23.75
CA ASP B 242 5.34 0.57 24.02
C ASP B 242 6.06 -0.60 24.70
N SER B 243 7.28 -0.89 24.26
CA SER B 243 8.09 -1.92 24.90
C SER B 243 8.40 -1.56 26.34
N PHE B 244 8.82 -0.31 26.58
CA PHE B 244 9.07 0.12 27.95
C PHE B 244 7.82 -0.03 28.82
N ILE B 245 6.66 0.31 28.28
CA ILE B 245 5.40 0.23 29.01
C ILE B 245 5.05 -1.20 29.39
N LYS B 246 5.14 -2.13 28.42
CA LYS B 246 4.80 -3.51 28.74
C LYS B 246 5.83 -4.18 29.65
N GLN B 247 7.10 -3.82 29.51
CA GLN B 247 8.14 -4.42 30.33
C GLN B 247 8.36 -3.71 31.67
N ARG B 248 7.72 -2.56 31.89
CA ARG B 248 7.94 -1.71 33.07
C ARG B 248 9.41 -1.37 33.27
N THR B 249 10.04 -0.95 32.17
CA THR B 249 11.46 -0.65 32.11
C THR B 249 11.88 0.55 32.95
N SER B 250 12.52 0.27 34.08
CA SER B 250 13.25 1.25 34.91
C SER B 250 12.76 2.70 34.88
N VAL B 251 13.70 3.60 34.54
CA VAL B 251 13.47 5.05 34.44
C VAL B 251 12.30 5.42 33.52
N TYR B 252 12.14 4.69 32.43
CA TYR B 252 11.16 5.05 31.43
C TYR B 252 9.71 4.74 31.81
N ARG B 253 9.46 3.65 32.53
CA ARG B 253 8.09 3.38 32.98
C ARG B 253 7.65 4.38 34.03
N GLU B 254 8.58 4.73 34.94
CA GLU B 254 8.32 5.75 35.94
C GLU B 254 7.96 7.07 35.28
N LEU B 255 8.73 7.46 34.26
CA LEU B 255 8.45 8.70 33.55
C LEU B 255 7.10 8.65 32.84
N TYR B 256 6.76 7.49 32.27
CA TYR B 256 5.45 7.35 31.64
C TYR B 256 4.33 7.54 32.64
N ASP B 257 4.36 6.81 33.76
CA ASP B 257 3.31 6.94 34.79
C ASP B 257 3.23 8.36 35.33
N ALA B 258 4.36 8.96 35.65
CA ALA B 258 4.37 10.31 36.20
C ALA B 258 3.77 11.32 35.23
N GLU B 259 4.19 11.29 33.96
CA GLU B 259 3.63 12.23 32.99
C GLU B 259 2.16 11.95 32.67
N LYS B 260 1.78 10.69 32.54
CA LYS B 260 0.38 10.38 32.26
C LYS B 260 -0.52 10.86 33.38
N ALA B 261 -0.03 10.78 34.62
CA ALA B 261 -0.79 11.29 35.76
C ALA B 261 -0.82 12.81 35.78
N ARG B 262 0.34 13.45 35.55
CA ARG B 262 0.41 14.91 35.51
C ARG B 262 -0.46 15.49 34.40
N GLN B 263 -0.60 14.79 33.28
CA GLN B 263 -1.36 15.29 32.15
C GLN B 263 -2.84 14.95 32.16
N ARG B 264 -3.27 13.88 32.81
CA ARG B 264 -4.69 13.56 32.78
C ARG B 264 -5.63 14.68 33.27
N PRO B 265 -5.28 15.49 34.27
CA PRO B 265 -6.13 16.64 34.62
C PRO B 265 -6.34 17.65 33.51
N LYS B 266 -5.47 17.70 32.49
CA LYS B 266 -5.51 18.69 31.43
C LYS B 266 -6.15 18.21 30.12
N VAL B 267 -6.67 16.98 30.06
CA VAL B 267 -7.21 16.42 28.82
C VAL B 267 -8.50 15.68 29.14
N GLU B 268 -9.31 15.50 28.09
CA GLU B 268 -10.65 14.93 28.23
C GLU B 268 -10.74 13.41 28.30
N SER B 269 -9.72 12.65 27.88
CA SER B 269 -9.84 11.21 28.02
C SER B 269 -8.51 10.56 28.35
N ASP B 270 -8.60 9.33 28.88
CA ASP B 270 -7.40 8.56 29.21
C ASP B 270 -6.50 8.37 27.99
N GLY B 271 -7.08 8.11 26.83
CA GLY B 271 -6.26 7.94 25.62
C GLY B 271 -5.45 9.14 25.24
N HIS B 272 -5.96 10.35 25.50
CA HIS B 272 -5.18 11.55 25.24
C HIS B 272 -4.03 11.69 26.22
N ALA B 273 -4.29 11.40 27.50
CA ALA B 273 -3.20 11.45 28.48
C ALA B 273 -2.14 10.41 28.15
N HIS B 274 -2.58 9.25 27.66
CA HIS B 274 -1.67 8.21 27.23
C HIS B 274 -0.78 8.70 26.10
N ASN B 275 -1.38 9.26 25.05
CA ASN B 275 -0.60 9.79 23.93
C ASN B 275 0.36 10.90 24.37
N ARG B 276 -0.04 11.77 25.28
CA ARG B 276 0.89 12.79 25.75
C ARG B 276 2.05 12.19 26.52
N ALA B 277 1.77 11.24 27.41
CA ALA B 277 2.84 10.58 28.13
C ALA B 277 3.77 9.84 27.19
N VAL B 278 3.22 9.13 26.21
CA VAL B 278 4.03 8.41 25.22
C VAL B 278 4.96 9.37 24.50
N ARG B 279 4.41 10.49 24.03
CA ARG B 279 5.22 11.51 23.38
C ARG B 279 6.33 11.99 24.30
N LYS B 280 6.00 12.29 25.56
CA LYS B 280 7.01 12.75 26.51
C LYS B 280 8.13 11.72 26.70
N VAL B 281 7.77 10.45 26.87
CA VAL B 281 8.78 9.42 27.07
C VAL B 281 9.63 9.24 25.82
N ALA B 282 9.01 9.25 24.63
CA ALA B 282 9.74 9.14 23.38
C ALA B 282 10.75 10.28 23.23
N LYS B 283 10.33 11.50 23.49
CA LYS B 283 11.23 12.65 23.42
C LYS B 283 12.40 12.50 24.39
N VAL B 284 12.14 12.04 25.62
CA VAL B 284 13.22 11.86 26.58
C VAL B 284 14.17 10.74 26.16
N PHE B 285 13.63 9.64 25.64
CA PHE B 285 14.47 8.57 25.12
C PHE B 285 15.31 9.01 23.94
N LEU B 286 14.74 9.77 23.00
CA LEU B 286 15.54 10.31 21.91
C LEU B 286 16.58 11.28 22.41
N GLN B 287 16.28 12.05 23.44
CA GLN B 287 17.30 12.90 24.03
C GLN B 287 18.46 12.07 24.58
N HIS B 288 18.17 10.97 25.26
CA HIS B 288 19.24 10.10 25.75
C HIS B 288 19.97 9.41 24.62
N TYR B 289 19.24 8.95 23.59
CA TYR B 289 19.88 8.34 22.43
C TYR B 289 20.83 9.31 21.75
N TRP B 290 20.38 10.55 21.59
CA TRP B 290 21.20 11.60 21.02
C TRP B 290 22.45 11.78 21.87
N VAL B 291 22.28 12.00 23.17
CA VAL B 291 23.42 12.21 24.07
C VAL B 291 24.43 11.06 24.01
N VAL B 292 23.96 9.82 24.15
CA VAL B 292 24.85 8.66 24.11
C VAL B 292 25.55 8.52 22.75
N SER B 293 24.81 8.70 21.66
CA SER B 293 25.42 8.59 20.32
C SER B 293 26.45 9.68 20.09
N ARG B 294 26.18 10.90 20.57
CA ARG B 294 27.13 11.99 20.47
C ARG B 294 28.40 11.68 21.26
N GLU B 295 28.26 11.18 22.50
CA GLU B 295 29.46 10.87 23.28
C GLU B 295 30.24 9.69 22.70
N LEU B 296 29.54 8.67 22.20
CA LEU B 296 30.23 7.54 21.59
C LEU B 296 31.01 7.99 20.37
N ALA B 297 30.37 8.79 19.52
CA ALA B 297 31.05 9.28 18.33
C ALA B 297 32.03 10.41 18.62
N GLY B 298 32.01 10.98 19.83
CA GLY B 298 32.96 12.02 20.19
C GLY B 298 32.61 13.42 19.75
N PHE B 299 31.31 13.76 19.74
CA PHE B 299 30.80 15.07 19.40
C PHE B 299 30.48 15.86 20.67
N SER B 300 30.23 17.15 20.51
CA SER B 300 29.96 18.05 21.63
C SER B 300 28.65 17.74 22.34
N VAL B 301 28.64 17.92 23.66
CA VAL B 301 27.48 17.66 24.51
C VAL B 301 26.70 18.95 24.77
N SER B 302 25.45 18.77 25.19
CA SER B 302 24.52 19.87 25.47
C SER B 302 23.42 19.33 26.38
N LYS B 303 22.43 20.18 26.67
CA LYS B 303 21.20 19.68 27.26
C LYS B 303 19.97 20.51 26.88
N ILE B 316 16.88 14.44 33.58
CA ILE B 316 16.94 12.98 33.61
C ILE B 316 18.20 12.50 32.89
N LYS B 317 19.04 11.73 33.56
CA LYS B 317 20.23 11.09 33.00
C LYS B 317 19.87 9.71 32.47
N PRO B 318 20.48 9.25 31.37
CA PRO B 318 20.19 7.90 30.88
C PRO B 318 20.46 6.87 31.95
N PRO B 319 19.74 5.75 31.94
CA PRO B 319 19.88 4.78 33.04
C PRO B 319 21.19 4.00 33.13
N HIS B 320 21.54 3.28 32.06
CA HIS B 320 22.69 2.40 32.03
C HIS B 320 23.99 3.07 31.58
N TRP B 321 23.96 4.32 31.17
CA TRP B 321 25.15 4.99 30.66
C TRP B 321 25.94 5.68 31.76
N ASN B 322 27.23 5.38 31.81
CA ASN B 322 28.14 5.89 32.83
C ASN B 322 29.51 6.21 32.23
MG MG H . -21.71 -3.42 11.55
MG MG I . -6.13 -10.44 -2.64
MG MG J . 14.55 16.29 -12.86
MG MG K . 11.57 -1.36 2.31
#